data_2HCN
#
_entry.id   2HCN
#
_cell.length_a   110.064
_cell.length_b   110.064
_cell.length_c   68.572
_cell.angle_alpha   90.00
_cell.angle_beta   90.00
_cell.angle_gamma   90.00
#
_symmetry.space_group_name_H-M   'P 43'
#
loop_
_entity.id
_entity.type
_entity.pdbx_description
1 polymer 'RNA-directed RNA polymerase (NS5)'
2 non-polymer 'CALCIUM ION'
3 non-polymer 'ZINC ION'
4 water water
#
_entity_poly.entity_id   1
_entity_poly.type   'polypeptide(L)'
_entity_poly.pdbx_seq_one_letter_code
;HHHHHHKSASSLVNGVVRLLSKPWDTITNVTTMAMTDTTPFGQQRVFKEKVDTKAPEPPEGVKYVLNETTNWLWAFLARE
KRPRMCSREEFIRKVNSNAALGAMFEEQNQWRSAREAVEDPKFWEMVDEEREAHLRGECHTCIYNMMGKREKKPGEFGKA
KGSRAIWFMWLGARFLEFEALGFLNEDHWLGRKNSGGGVEGLGLQKLGYILREVGTRPGGRIYADDTAGWDTRITRADLE
NEAKVLELLDGEHRRLARAIIELTYRHKVVKVMRPAADGRTVMDVISREDQRGSGQVVTYALNTFTNLAVQLVRMMEGEG
VIGPDDVEKLTKGKGPKVRTWLSENGEERLSRMAVSGDDCVVKPLDDRFATSLHFLNAMSKVRKDIQEWKPSTGWYDWQQ
VPFCSNHFTELIMKDGRTLVTPCRGQDELVGRARISPGAGWNVRDTACLAKSYAQMWLLLYFHRRDLRLMANAICSAVPV
NWVPTGRTTWSIHAGGEWMTTEDMLEVWNRVWIEENEWMEDKTPVEKWSDVPYSGKREDIWCGSLIGTRARATWAENIQV
AINQVRSIIGDEKYVDYMSSLKRYEDTTLVEDTVL
;
_entity_poly.pdbx_strand_id   A
#
loop_
_chem_comp.id
_chem_comp.type
_chem_comp.name
_chem_comp.formula
CA non-polymer 'CALCIUM ION' 'Ca 2'
ZN non-polymer 'ZINC ION' 'Zn 2'
#
# COMPACT_ATOMS: atom_id res chain seq x y z
N LEU A 12 -4.72 6.25 -23.73
CA LEU A 12 -6.17 6.27 -24.11
C LEU A 12 -7.08 6.64 -22.92
N VAL A 13 -8.23 7.26 -23.23
CA VAL A 13 -9.27 7.54 -22.26
C VAL A 13 -10.28 6.38 -22.15
N ASN A 14 -10.73 6.08 -20.93
CA ASN A 14 -11.88 5.20 -20.69
C ASN A 14 -13.15 5.93 -21.11
N GLY A 15 -13.71 5.52 -22.27
CA GLY A 15 -14.89 6.15 -22.87
C GLY A 15 -16.28 6.06 -22.12
N VAL A 16 -16.07 5.11 -20.96
CA VAL A 16 -17.23 4.92 -20.08
C VAL A 16 -17.19 5.95 -18.96
N VAL A 17 -16.13 5.86 -18.09
CA VAL A 17 -15.87 6.86 -17.03
C VAL A 17 -15.91 8.30 -17.60
N ARG A 18 -15.46 8.46 -18.88
CA ARG A 18 -15.48 9.76 -19.58
C ARG A 18 -16.87 10.31 -19.85
N LEU A 19 -17.69 9.49 -20.54
CA LEU A 19 -19.05 9.91 -20.90
C LEU A 19 -19.97 10.11 -19.71
N LEU A 20 -19.75 9.37 -18.63
CA LEU A 20 -20.55 9.52 -17.41
C LEU A 20 -19.98 10.61 -16.47
N SER A 21 -18.96 11.47 -16.96
CA SER A 21 -18.49 12.60 -16.13
C SER A 21 -18.38 13.91 -16.94
N LYS A 22 -19.51 14.41 -17.38
CA LYS A 22 -19.51 15.58 -18.27
C LYS A 22 -18.80 16.78 -17.61
N PRO A 23 -19.15 17.09 -16.29
CA PRO A 23 -18.51 18.22 -15.55
C PRO A 23 -17.00 18.15 -15.42
N TRP A 24 -16.41 16.98 -15.63
CA TRP A 24 -14.97 16.82 -15.40
C TRP A 24 -14.18 16.91 -16.70
N ASP A 25 -14.88 17.12 -17.82
CA ASP A 25 -14.24 17.26 -19.13
C ASP A 25 -13.07 18.26 -19.11
N THR A 26 -13.41 19.52 -18.78
CA THR A 26 -12.51 20.66 -18.92
C THR A 26 -11.66 20.97 -17.68
N ILE A 27 -11.35 19.93 -16.91
CA ILE A 27 -10.42 20.05 -15.77
C ILE A 27 -9.12 19.30 -16.13
N THR A 28 -8.00 19.71 -15.52
CA THR A 28 -6.74 18.95 -15.57
C THR A 28 -6.14 18.84 -14.17
N THR A 53 24.66 9.93 -9.52
CA THR A 53 25.63 9.06 -8.87
C THR A 53 25.82 9.55 -7.42
N LYS A 54 25.03 9.01 -6.50
CA LYS A 54 25.03 9.52 -5.11
C LYS A 54 25.08 8.41 -4.05
N ALA A 55 23.97 8.21 -3.32
CA ALA A 55 23.97 7.69 -1.94
C ALA A 55 25.37 7.29 -1.46
N PRO A 56 26.09 8.23 -0.83
CA PRO A 56 27.28 7.84 -0.11
C PRO A 56 27.00 6.82 1.00
N GLU A 57 27.83 5.79 1.07
CA GLU A 57 27.87 4.88 2.21
C GLU A 57 28.00 5.62 3.56
N PRO A 58 27.27 5.15 4.58
CA PRO A 58 27.27 5.82 5.89
C PRO A 58 28.62 5.81 6.62
N PRO A 59 28.83 6.79 7.53
CA PRO A 59 30.04 6.77 8.34
C PRO A 59 29.98 5.62 9.36
N GLU A 60 31.11 5.32 10.01
CA GLU A 60 31.26 4.20 10.97
C GLU A 60 30.21 4.18 12.09
N GLY A 61 29.97 5.34 12.71
CA GLY A 61 29.01 5.45 13.83
C GLY A 61 27.58 5.14 13.43
N VAL A 62 27.17 5.72 12.31
CA VAL A 62 25.85 5.51 11.72
C VAL A 62 25.76 4.07 11.27
N LYS A 63 26.83 3.55 10.68
CA LYS A 63 26.82 2.16 10.20
C LYS A 63 26.63 1.16 11.34
N TYR A 64 27.21 1.45 12.50
CA TYR A 64 27.11 0.64 13.72
C TYR A 64 25.71 0.55 14.37
N VAL A 65 25.08 1.71 14.55
CA VAL A 65 23.73 1.84 15.10
C VAL A 65 22.68 1.17 14.17
N LEU A 66 22.85 1.34 12.85
CA LEU A 66 21.97 0.71 11.89
C LEU A 66 22.18 -0.81 11.92
N ASN A 67 23.41 -1.26 12.13
CA ASN A 67 23.66 -2.68 12.24
C ASN A 67 22.91 -3.29 13.43
N GLU A 68 23.08 -2.68 14.60
CA GLU A 68 22.39 -3.10 15.81
C GLU A 68 20.90 -3.14 15.63
N THR A 69 20.36 -2.02 15.14
CA THR A 69 18.94 -1.84 14.91
C THR A 69 18.38 -2.93 14.01
N THR A 70 19.07 -3.19 12.91
CA THR A 70 18.57 -4.14 11.91
C THR A 70 18.79 -5.57 12.42
N ASN A 71 19.75 -5.76 13.34
CA ASN A 71 19.93 -7.05 14.03
C ASN A 71 18.78 -7.32 14.97
N TRP A 72 18.43 -6.33 15.78
CA TRP A 72 17.27 -6.40 16.68
C TRP A 72 15.93 -6.65 15.94
N LEU A 73 15.76 -5.96 14.80
CA LEU A 73 14.53 -5.97 14.01
C LEU A 73 14.33 -7.30 13.27
N TRP A 74 15.34 -7.79 12.56
CA TRP A 74 15.29 -9.21 12.09
C TRP A 74 14.92 -10.19 13.24
N ALA A 75 15.60 -10.12 14.38
CA ALA A 75 15.26 -11.02 15.50
C ALA A 75 13.82 -10.85 15.94
N PHE A 76 13.34 -9.60 16.06
CA PHE A 76 11.96 -9.38 16.45
C PHE A 76 10.97 -9.95 15.43
N LEU A 77 11.30 -9.85 14.13
CA LEU A 77 10.39 -10.31 13.09
C LEU A 77 10.38 -11.83 13.04
N ALA A 78 11.51 -12.44 13.39
CA ALA A 78 11.66 -13.91 13.44
C ALA A 78 11.23 -14.58 14.77
N ARG A 79 10.72 -13.82 15.73
CA ARG A 79 10.52 -14.37 17.08
C ARG A 79 9.52 -15.53 17.14
N GLU A 80 8.52 -15.50 16.25
CA GLU A 80 7.44 -16.49 16.22
C GLU A 80 7.38 -17.30 14.92
N LYS A 81 7.44 -16.63 13.77
CA LYS A 81 7.23 -17.27 12.48
C LYS A 81 8.49 -17.96 12.01
N ARG A 82 8.32 -19.01 11.20
CA ARG A 82 9.42 -19.75 10.64
C ARG A 82 9.48 -19.53 9.13
N PRO A 83 10.67 -19.21 8.60
CA PRO A 83 10.74 -19.03 7.16
C PRO A 83 10.44 -20.34 6.41
N ARG A 84 9.81 -20.22 5.26
CA ARG A 84 9.54 -21.40 4.45
C ARG A 84 9.64 -21.03 2.97
N MET A 85 9.74 -22.07 2.15
CA MET A 85 9.65 -21.97 0.72
C MET A 85 8.17 -21.99 0.31
N CYS A 86 7.86 -21.18 -0.69
CA CYS A 86 6.53 -21.17 -1.25
C CYS A 86 6.49 -22.10 -2.45
N SER A 87 5.37 -22.81 -2.58
CA SER A 87 5.23 -23.87 -3.56
C SER A 87 4.83 -23.34 -4.93
N ARG A 88 5.00 -24.19 -5.95
CA ARG A 88 4.49 -23.91 -7.30
C ARG A 88 2.95 -23.80 -7.37
N GLU A 89 2.27 -24.53 -6.48
CA GLU A 89 0.82 -24.44 -6.29
C GLU A 89 0.39 -23.08 -5.75
N GLU A 90 1.10 -22.54 -4.76
CA GLU A 90 0.80 -21.17 -4.24
C GLU A 90 1.00 -20.09 -5.29
N PHE A 91 2.02 -20.26 -6.13
CA PHE A 91 2.35 -19.32 -7.21
C PHE A 91 1.27 -19.29 -8.31
N ILE A 92 0.87 -20.48 -8.78
CA ILE A 92 -0.24 -20.63 -9.72
C ILE A 92 -1.49 -19.95 -9.17
N ARG A 93 -1.74 -20.13 -7.87
CA ARG A 93 -2.90 -19.58 -7.21
C ARG A 93 -2.83 -18.06 -7.06
N LYS A 94 -1.63 -17.55 -6.84
CA LYS A 94 -1.41 -16.10 -6.68
C LYS A 94 -1.43 -15.37 -8.03
N VAL A 95 -1.12 -16.11 -9.09
CA VAL A 95 -1.19 -15.62 -10.48
C VAL A 95 -2.64 -15.58 -10.96
N ASN A 96 -3.46 -16.55 -10.55
CA ASN A 96 -4.87 -16.63 -10.97
C ASN A 96 -5.77 -15.58 -10.32
N SER A 97 -5.51 -15.27 -9.06
CA SER A 97 -6.30 -14.29 -8.30
C SER A 97 -5.93 -12.85 -8.64
N ASN A 98 -6.62 -11.89 -8.03
CA ASN A 98 -6.36 -10.47 -8.30
C ASN A 98 -5.08 -9.93 -7.66
N ALA A 99 -4.03 -9.93 -8.49
CA ALA A 99 -2.68 -9.54 -8.11
C ALA A 99 -2.24 -8.25 -8.84
N ALA A 100 -3.21 -7.60 -9.48
CA ALA A 100 -3.05 -6.31 -10.20
C ALA A 100 -2.43 -6.49 -11.58
N GLN A 110 -2.42 -8.61 -20.20
CA GLN A 110 -1.23 -9.46 -20.07
C GLN A 110 -0.91 -9.86 -18.62
N TRP A 111 -1.96 -9.84 -17.80
CA TRP A 111 -2.03 -10.54 -16.50
C TRP A 111 -2.37 -12.01 -16.79
N ARG A 112 -2.81 -12.27 -18.03
CA ARG A 112 -3.47 -13.50 -18.44
C ARG A 112 -2.66 -14.34 -19.42
N SER A 113 -1.54 -13.79 -19.87
CA SER A 113 -0.55 -14.58 -20.61
C SER A 113 0.38 -15.25 -19.60
N ALA A 114 0.36 -14.71 -18.37
CA ALA A 114 1.00 -15.35 -17.20
C ALA A 114 0.21 -16.58 -16.78
N ARG A 115 -1.13 -16.45 -16.79
CA ARG A 115 -2.02 -17.55 -16.42
C ARG A 115 -1.95 -18.71 -17.42
N GLU A 116 -1.71 -18.38 -18.70
CA GLU A 116 -1.49 -19.39 -19.74
C GLU A 116 -0.11 -20.02 -19.62
N ALA A 117 0.90 -19.18 -19.34
CA ALA A 117 2.30 -19.63 -19.20
C ALA A 117 2.48 -20.64 -18.06
N VAL A 118 1.78 -20.40 -16.95
CA VAL A 118 1.82 -21.31 -15.80
C VAL A 118 1.23 -22.71 -16.08
N GLU A 119 0.19 -22.78 -16.91
CA GLU A 119 -0.43 -24.05 -17.26
C GLU A 119 0.44 -24.83 -18.27
N ASP A 120 1.28 -24.09 -18.99
CA ASP A 120 2.31 -24.67 -19.87
C ASP A 120 3.36 -25.36 -18.98
N PRO A 121 3.57 -26.68 -19.16
CA PRO A 121 4.56 -27.39 -18.34
C PRO A 121 6.02 -27.21 -18.82
N LYS A 122 6.17 -26.73 -20.07
CA LYS A 122 7.49 -26.46 -20.68
C LYS A 122 8.10 -25.21 -20.05
N PHE A 123 7.25 -24.46 -19.36
CA PHE A 123 7.66 -23.33 -18.56
C PHE A 123 8.35 -23.83 -17.29
N TRP A 124 7.77 -24.87 -16.68
CA TRP A 124 8.33 -25.42 -15.45
C TRP A 124 9.60 -26.23 -15.69
N GLU A 125 9.76 -26.74 -16.91
CA GLU A 125 10.96 -27.47 -17.32
C GLU A 125 12.14 -26.52 -17.33
N MET A 126 11.86 -25.30 -17.77
CA MET A 126 12.84 -24.24 -17.83
C MET A 126 13.21 -23.76 -16.41
N VAL A 127 12.18 -23.46 -15.59
CA VAL A 127 12.32 -23.16 -14.17
C VAL A 127 13.14 -24.23 -13.42
N ASP A 128 12.95 -25.50 -13.77
CA ASP A 128 13.72 -26.61 -13.17
C ASP A 128 15.19 -26.52 -13.51
N GLU A 129 15.48 -26.06 -14.73
CA GLU A 129 16.84 -25.97 -15.24
C GLU A 129 17.61 -24.79 -14.62
N GLU A 130 16.89 -23.69 -14.42
CA GLU A 130 17.43 -22.48 -13.82
C GLU A 130 17.50 -22.56 -12.29
N ARG A 131 16.57 -23.30 -11.68
CA ARG A 131 16.61 -23.57 -10.25
C ARG A 131 17.83 -24.45 -9.90
N GLU A 132 18.10 -25.45 -10.74
CA GLU A 132 19.27 -26.31 -10.62
C GLU A 132 20.56 -25.51 -10.84
N ALA A 133 20.53 -24.61 -11.82
CA ALA A 133 21.60 -23.66 -12.10
C ALA A 133 21.93 -22.88 -10.85
N HIS A 134 20.92 -22.56 -10.06
CA HIS A 134 21.28 -21.75 -8.96
C HIS A 134 21.25 -22.27 -7.53
N LEU A 135 21.08 -23.59 -7.42
CA LEU A 135 21.44 -24.34 -6.21
C LEU A 135 22.96 -24.61 -6.18
N ARG A 136 23.56 -24.64 -7.36
CA ARG A 136 25.00 -24.50 -7.53
C ARG A 136 25.43 -23.16 -6.94
N GLY A 137 24.87 -22.08 -7.51
CA GLY A 137 25.27 -20.70 -7.24
C GLY A 137 25.47 -19.93 -8.54
N GLU A 138 24.83 -20.40 -9.61
CA GLU A 138 24.93 -19.78 -10.93
C GLU A 138 23.56 -19.31 -11.45
N CYS A 139 23.53 -18.46 -12.46
CA CYS A 139 22.28 -17.82 -12.91
C CYS A 139 22.45 -17.24 -14.29
N HIS A 140 21.62 -17.62 -15.27
CA HIS A 140 21.69 -16.93 -16.56
C HIS A 140 20.39 -16.46 -17.24
N THR A 141 19.25 -17.04 -16.86
CA THR A 141 17.98 -16.35 -17.12
C THR A 141 17.82 -15.28 -16.00
N CYS A 142 16.63 -14.71 -15.84
CA CYS A 142 16.42 -13.57 -14.93
C CYS A 142 17.14 -12.31 -15.47
N ARG A 164 10.56 -16.49 -28.48
CA ARG A 164 9.31 -16.41 -27.71
C ARG A 164 9.51 -16.61 -26.20
N ALA A 165 10.64 -17.19 -25.82
CA ALA A 165 10.89 -17.62 -24.44
C ALA A 165 11.43 -16.52 -23.51
N ILE A 166 11.24 -15.26 -23.87
CA ILE A 166 11.65 -14.15 -23.00
C ILE A 166 10.61 -13.96 -21.91
N TRP A 167 9.39 -14.44 -22.18
CA TRP A 167 8.28 -14.35 -21.23
C TRP A 167 8.38 -15.41 -20.13
N PHE A 168 8.82 -16.62 -20.54
CA PHE A 168 9.11 -17.70 -19.60
C PHE A 168 10.24 -17.31 -18.66
N MET A 169 11.25 -16.64 -19.23
CA MET A 169 12.44 -16.22 -18.50
C MET A 169 12.14 -15.13 -17.48
N TRP A 170 11.27 -14.20 -17.84
CA TRP A 170 10.85 -13.15 -16.89
C TRP A 170 9.98 -13.72 -15.79
N LEU A 171 9.00 -14.54 -16.17
CA LEU A 171 8.08 -15.13 -15.20
C LEU A 171 8.77 -16.15 -14.28
N GLY A 172 9.65 -16.98 -14.86
CA GLY A 172 10.44 -17.94 -14.09
C GLY A 172 11.16 -17.29 -12.92
N ALA A 173 11.84 -16.19 -13.23
CA ALA A 173 12.59 -15.39 -12.27
C ALA A 173 11.68 -14.87 -11.16
N ARG A 174 10.44 -14.57 -11.53
CA ARG A 174 9.39 -14.10 -10.63
C ARG A 174 8.97 -15.29 -9.72
N PHE A 175 8.93 -16.52 -10.26
CA PHE A 175 8.64 -17.70 -9.41
C PHE A 175 9.78 -18.05 -8.47
N LEU A 176 11.00 -18.17 -9.01
CA LEU A 176 12.19 -18.49 -8.20
C LEU A 176 12.31 -17.58 -7.01
N GLU A 177 11.94 -16.31 -7.22
CA GLU A 177 12.05 -15.29 -6.18
C GLU A 177 10.94 -15.43 -5.13
N PHE A 178 9.73 -15.71 -5.61
CA PHE A 178 8.59 -16.03 -4.77
C PHE A 178 8.86 -17.31 -3.95
N GLU A 179 9.32 -18.36 -4.62
CA GLU A 179 9.72 -19.56 -3.90
C GLU A 179 10.69 -19.28 -2.73
N ALA A 180 11.77 -18.54 -3.00
CA ALA A 180 12.81 -18.28 -2.03
C ALA A 180 12.46 -17.20 -1.01
N LEU A 181 11.77 -16.14 -1.44
CA LEU A 181 11.59 -15.02 -0.53
C LEU A 181 10.15 -14.63 -0.27
N GLY A 182 9.22 -15.36 -0.88
CA GLY A 182 7.78 -15.10 -0.82
C GLY A 182 7.15 -15.21 0.56
N PHE A 183 7.80 -15.93 1.46
CA PHE A 183 7.27 -16.14 2.80
C PHE A 183 7.09 -14.82 3.52
N LEU A 184 7.96 -13.86 3.24
CA LEU A 184 7.86 -12.53 3.82
C LEU A 184 6.45 -11.93 3.64
N ASN A 185 5.95 -12.01 2.41
CA ASN A 185 4.64 -11.45 2.15
C ASN A 185 3.52 -12.46 2.41
N GLU A 186 3.65 -13.72 1.96
CA GLU A 186 2.59 -14.72 2.13
C GLU A 186 2.28 -15.07 3.56
N ASP A 187 3.27 -14.99 4.44
CA ASP A 187 3.07 -15.27 5.87
C ASP A 187 3.07 -13.98 6.68
N HIS A 188 3.05 -12.83 5.99
CA HIS A 188 2.77 -11.54 6.63
C HIS A 188 3.77 -11.11 7.68
N TRP A 189 5.04 -11.25 7.33
CA TRP A 189 6.18 -10.82 8.15
C TRP A 189 6.18 -9.33 8.40
N LEU A 190 5.56 -8.56 7.49
CA LEU A 190 5.37 -7.13 7.70
C LEU A 190 3.94 -6.70 8.04
N GLY A 191 3.04 -7.67 8.24
CA GLY A 191 1.74 -7.39 8.80
C GLY A 191 1.99 -6.70 10.11
N ARG A 192 1.02 -5.96 10.63
CA ARG A 192 1.23 -5.15 11.84
C ARG A 192 1.52 -6.03 13.03
N LYS A 193 0.86 -7.17 13.13
CA LYS A 193 1.03 -8.03 14.31
C LYS A 193 2.46 -8.51 14.45
N ASN A 194 3.07 -8.85 13.31
CA ASN A 194 4.42 -9.40 13.36
C ASN A 194 5.48 -8.31 13.42
N SER A 195 5.25 -7.20 12.70
CA SER A 195 6.26 -6.14 12.63
C SER A 195 6.07 -4.97 13.57
N GLY A 196 4.94 -4.90 14.25
CA GLY A 196 4.65 -3.76 15.13
C GLY A 196 4.29 -2.46 14.40
N GLY A 197 5.11 -2.04 13.42
CA GLY A 197 4.99 -0.76 12.74
C GLY A 197 4.48 -0.89 11.30
N GLY A 198 4.56 -2.10 10.76
CA GLY A 198 4.08 -2.33 9.42
C GLY A 198 2.58 -2.40 9.32
N VAL A 199 2.10 -2.46 8.09
CA VAL A 199 0.70 -2.48 7.78
C VAL A 199 0.39 -3.41 6.58
N GLU A 200 1.22 -4.43 6.32
CA GLU A 200 1.06 -5.23 5.12
C GLU A 200 -0.25 -6.00 5.22
N GLY A 201 -1.00 -5.97 4.11
CA GLY A 201 -2.24 -6.73 4.03
C GLY A 201 -3.47 -5.98 4.50
N LEU A 202 -3.27 -4.76 4.99
CA LEU A 202 -4.38 -3.92 5.41
C LEU A 202 -4.82 -3.00 4.26
N GLY A 203 -6.10 -3.08 3.91
CA GLY A 203 -6.65 -2.18 2.92
C GLY A 203 -6.96 -0.82 3.49
N LEU A 204 -7.50 0.02 2.62
CA LEU A 204 -7.77 1.41 2.98
C LEU A 204 -8.88 1.58 4.03
N GLN A 205 -9.78 0.58 4.16
CA GLN A 205 -10.77 0.47 5.26
C GLN A 205 -10.14 0.29 6.62
N LYS A 206 -8.87 -0.07 6.65
CA LYS A 206 -8.19 -0.49 7.87
C LYS A 206 -7.17 0.53 8.33
N LEU A 207 -6.57 1.25 7.38
CA LEU A 207 -5.39 2.06 7.63
C LEU A 207 -5.64 3.27 8.51
N GLY A 208 -6.77 3.93 8.31
CA GLY A 208 -7.11 5.12 9.07
C GLY A 208 -7.35 4.84 10.53
N TYR A 209 -7.88 3.66 10.82
CA TYR A 209 -7.98 3.15 12.19
C TYR A 209 -6.62 2.95 12.84
N ILE A 210 -5.62 2.56 12.06
CA ILE A 210 -4.24 2.44 12.56
C ILE A 210 -3.59 3.80 12.85
N LEU A 211 -3.69 4.71 11.88
CA LEU A 211 -3.40 6.13 12.09
C LEU A 211 -4.06 6.76 13.34
N ARG A 212 -5.30 6.38 13.61
CA ARG A 212 -5.97 6.85 14.82
C ARG A 212 -5.42 6.23 16.15
N GLU A 213 -4.93 4.99 16.09
CA GLU A 213 -4.18 4.40 17.22
C GLU A 213 -2.81 5.09 17.39
N VAL A 214 -1.99 5.10 16.35
CA VAL A 214 -0.70 5.77 16.42
C VAL A 214 -0.91 7.18 16.96
N GLY A 215 -1.88 7.89 16.38
CA GLY A 215 -2.23 9.27 16.77
C GLY A 215 -2.73 9.42 18.19
N THR A 216 -3.04 8.30 18.82
CA THR A 216 -3.63 8.25 20.14
C THR A 216 -2.52 8.23 21.20
N ARG A 217 -1.30 7.89 20.77
CA ARG A 217 -0.15 7.81 21.65
C ARG A 217 0.35 9.20 22.02
N PRO A 218 0.45 9.50 23.31
CA PRO A 218 0.94 10.81 23.81
C PRO A 218 2.40 11.08 23.46
N GLY A 219 2.69 12.35 23.20
CA GLY A 219 4.00 12.74 22.74
C GLY A 219 3.95 13.96 21.87
N GLY A 220 4.74 13.95 20.81
CA GLY A 220 4.85 15.12 19.97
C GLY A 220 3.77 15.21 18.92
N ARG A 221 4.07 15.94 17.86
CA ARG A 221 3.20 15.96 16.74
C ARG A 221 3.33 14.65 15.97
N ILE A 222 2.52 14.48 14.94
CA ILE A 222 2.61 13.31 14.14
C ILE A 222 3.45 13.74 12.95
N TYR A 223 4.52 13.00 12.70
CA TYR A 223 5.40 13.32 11.57
C TYR A 223 5.18 12.32 10.46
N ALA A 224 5.29 12.79 9.23
CA ALA A 224 5.12 11.96 8.07
C ALA A 224 6.07 12.48 6.97
N ASP A 225 7.37 12.32 7.13
CA ASP A 225 8.32 12.90 6.18
C ASP A 225 8.60 11.89 5.08
N ASP A 226 8.77 12.36 3.87
CA ASP A 226 9.19 11.51 2.77
C ASP A 226 10.69 11.68 2.57
N THR A 227 11.35 10.60 2.14
CA THR A 227 12.71 10.62 1.63
C THR A 227 12.65 11.03 0.15
N ALA A 228 13.63 11.83 -0.28
CA ALA A 228 13.67 12.32 -1.62
C ALA A 228 14.22 11.21 -2.53
N GLY A 229 13.34 10.56 -3.29
CA GLY A 229 13.77 9.47 -4.17
C GLY A 229 14.38 8.32 -3.37
N TRP A 230 13.55 7.72 -2.52
CA TRP A 230 13.88 6.61 -1.63
C TRP A 230 14.78 5.54 -2.21
N ASP A 231 14.41 5.03 -3.39
CA ASP A 231 15.04 3.89 -4.03
C ASP A 231 16.48 4.19 -4.41
N THR A 232 16.82 5.46 -4.56
CA THR A 232 18.18 5.86 -4.98
C THR A 232 19.05 6.19 -3.78
N ARG A 233 18.44 6.13 -2.60
CA ARG A 233 19.02 6.47 -1.30
C ARG A 233 19.33 5.21 -0.48
N ILE A 234 19.05 4.06 -1.08
CA ILE A 234 19.30 2.77 -0.46
C ILE A 234 20.79 2.53 -0.68
N THR A 235 21.50 2.27 0.42
CA THR A 235 22.94 2.13 0.35
C THR A 235 23.32 0.63 0.42
N ARG A 236 24.57 0.32 0.14
CA ARG A 236 25.10 -1.04 0.32
C ARG A 236 24.94 -1.51 1.76
N ALA A 237 25.08 -0.60 2.72
CA ALA A 237 24.83 -0.93 4.14
C ALA A 237 23.35 -1.37 4.35
N ASP A 238 22.40 -0.66 3.73
CA ASP A 238 20.99 -1.05 3.71
C ASP A 238 20.80 -2.41 3.04
N LEU A 239 21.49 -2.63 1.93
CA LEU A 239 21.43 -3.92 1.26
C LEU A 239 21.99 -5.07 2.11
N GLU A 240 23.09 -4.82 2.83
CA GLU A 240 23.69 -5.80 3.72
C GLU A 240 22.77 -6.16 4.85
N ASN A 241 22.05 -5.17 5.40
CA ASN A 241 21.14 -5.43 6.51
C ASN A 241 19.91 -6.19 6.09
N GLU A 242 19.40 -5.89 4.88
CA GLU A 242 18.31 -6.65 4.29
C GLU A 242 18.73 -8.10 4.09
N ALA A 243 19.98 -8.30 3.68
CA ALA A 243 20.48 -9.63 3.33
C ALA A 243 20.75 -10.48 4.56
N LYS A 244 20.65 -9.91 5.75
CA LYS A 244 20.65 -10.75 6.97
C LYS A 244 19.49 -11.75 7.05
N VAL A 245 18.47 -11.62 6.18
CA VAL A 245 17.41 -12.64 6.14
C VAL A 245 18.00 -14.01 5.91
N LEU A 246 19.10 -14.07 5.17
CA LEU A 246 19.72 -15.34 4.79
C LEU A 246 20.12 -16.18 6.02
N GLU A 247 20.49 -15.50 7.10
CA GLU A 247 20.91 -16.13 8.34
C GLU A 247 19.77 -16.88 9.00
N LEU A 248 18.56 -16.48 8.64
CA LEU A 248 17.35 -17.10 9.14
C LEU A 248 17.06 -18.45 8.47
N LEU A 249 17.73 -18.69 7.34
CA LEU A 249 17.37 -19.80 6.44
C LEU A 249 18.38 -20.89 6.52
N ASP A 250 17.98 -22.10 6.17
CA ASP A 250 18.96 -23.14 6.08
C ASP A 250 18.89 -23.89 4.78
N GLY A 251 19.97 -24.63 4.49
CA GLY A 251 20.00 -25.57 3.40
C GLY A 251 19.67 -25.06 2.02
N GLU A 252 18.66 -25.68 1.43
CA GLU A 252 18.33 -25.49 0.03
C GLU A 252 17.66 -24.13 -0.11
N HIS A 253 16.80 -23.83 0.86
CA HIS A 253 16.12 -22.56 0.95
C HIS A 253 17.14 -21.40 0.94
N ARG A 254 18.15 -21.53 1.80
CA ARG A 254 19.20 -20.52 1.95
C ARG A 254 19.93 -20.23 0.65
N ARG A 255 20.31 -21.30 -0.04
CA ARG A 255 21.02 -21.24 -1.31
C ARG A 255 20.15 -20.64 -2.42
N LEU A 256 18.86 -21.00 -2.43
CA LEU A 256 17.91 -20.47 -3.39
C LEU A 256 17.69 -18.98 -3.16
N ALA A 257 17.55 -18.56 -1.91
CA ALA A 257 17.41 -17.17 -1.56
C ALA A 257 18.66 -16.34 -1.84
N ARG A 258 19.83 -16.96 -1.65
CA ARG A 258 21.09 -16.30 -1.85
C ARG A 258 21.30 -15.99 -3.33
N ALA A 259 20.84 -16.88 -4.21
CA ALA A 259 20.94 -16.62 -5.64
C ALA A 259 20.06 -15.43 -6.01
N ILE A 260 18.96 -15.26 -5.28
CA ILE A 260 18.04 -14.21 -5.60
C ILE A 260 18.65 -12.89 -5.23
N ILE A 261 18.89 -12.69 -3.93
CA ILE A 261 19.60 -11.58 -3.35
C ILE A 261 20.89 -11.13 -4.02
N GLU A 262 21.76 -12.07 -4.41
CA GLU A 262 23.05 -11.70 -5.00
C GLU A 262 22.85 -11.28 -6.47
N LEU A 263 21.60 -10.87 -6.77
CA LEU A 263 21.14 -10.37 -8.09
C LEU A 263 21.01 -8.83 -8.07
N THR A 264 20.52 -8.31 -6.94
CA THR A 264 20.62 -6.86 -6.64
C THR A 264 22.04 -6.34 -6.83
N TYR A 265 23.00 -7.21 -6.52
CA TYR A 265 24.40 -6.84 -6.50
C TYR A 265 24.99 -6.71 -7.92
N ARG A 266 24.17 -7.02 -8.93
CA ARG A 266 24.55 -6.93 -10.35
C ARG A 266 24.60 -5.49 -10.85
N SER A 294 14.50 -7.89 -7.63
CA SER A 294 13.13 -7.92 -7.09
C SER A 294 12.27 -6.93 -7.85
N GLY A 295 11.06 -7.30 -8.28
CA GLY A 295 10.22 -8.29 -7.65
C GLY A 295 9.41 -7.48 -6.66
N GLN A 296 8.47 -6.68 -7.19
CA GLN A 296 7.77 -5.60 -6.43
C GLN A 296 7.22 -6.01 -5.04
N VAL A 297 6.91 -7.28 -4.88
CA VAL A 297 6.37 -7.79 -3.61
C VAL A 297 7.50 -8.03 -2.57
N VAL A 298 8.58 -8.71 -2.99
CA VAL A 298 9.84 -8.69 -2.19
C VAL A 298 10.38 -7.26 -1.92
N THR A 299 10.43 -6.41 -2.94
CA THR A 299 10.83 -5.00 -2.79
C THR A 299 10.06 -4.22 -1.68
N TYR A 300 8.75 -4.36 -1.66
CA TYR A 300 7.89 -3.79 -0.68
C TYR A 300 8.22 -4.25 0.75
N ALA A 301 8.45 -5.54 0.94
CA ALA A 301 8.85 -6.06 2.25
C ALA A 301 10.18 -5.47 2.72
N LEU A 302 11.17 -5.47 1.83
CA LEU A 302 12.51 -4.94 2.12
C LEU A 302 12.55 -3.43 2.32
N ASN A 303 11.83 -2.67 1.48
CA ASN A 303 11.60 -1.24 1.72
C ASN A 303 10.97 -0.93 3.11
N THR A 304 9.94 -1.67 3.47
CA THR A 304 9.24 -1.51 4.76
C THR A 304 10.19 -1.79 5.90
N PHE A 305 10.89 -2.93 5.81
CA PHE A 305 11.94 -3.30 6.74
C PHE A 305 12.95 -2.18 7.02
N THR A 306 13.52 -1.66 5.95
CA THR A 306 14.57 -0.69 6.03
C THR A 306 14.00 0.62 6.58
N ASN A 307 12.81 1.02 6.14
CA ASN A 307 12.20 2.26 6.63
C ASN A 307 11.84 2.19 8.10
N LEU A 308 11.33 1.05 8.57
CA LEU A 308 11.15 0.78 9.98
C LEU A 308 12.46 0.98 10.78
N ALA A 309 13.57 0.49 10.25
CA ALA A 309 14.89 0.60 10.88
C ALA A 309 15.32 2.06 10.92
N VAL A 310 15.24 2.73 9.76
CA VAL A 310 15.51 4.16 9.65
C VAL A 310 14.74 4.96 10.72
N GLN A 311 13.45 4.69 10.88
CA GLN A 311 12.60 5.45 11.83
C GLN A 311 12.94 5.21 13.30
N LEU A 312 13.34 3.99 13.63
CA LEU A 312 13.84 3.63 14.98
C LEU A 312 15.14 4.37 15.35
N VAL A 313 16.08 4.41 14.43
CA VAL A 313 17.28 5.21 14.60
C VAL A 313 16.96 6.71 14.84
N ARG A 314 16.18 7.32 13.94
CA ARG A 314 15.74 8.69 14.10
C ARG A 314 15.07 8.93 15.47
N MET A 315 14.28 7.96 15.94
CA MET A 315 13.68 8.03 17.27
C MET A 315 14.71 7.99 18.39
N MET A 316 15.64 7.03 18.33
CA MET A 316 16.83 6.96 19.22
C MET A 316 17.57 8.30 19.38
N GLU A 317 17.80 8.95 18.23
CA GLU A 317 18.46 10.25 18.23
C GLU A 317 17.55 11.27 18.91
N GLY A 318 16.32 11.44 18.41
CA GLY A 318 15.28 12.25 19.05
C GLY A 318 15.26 12.15 20.56
N GLU A 319 15.39 10.93 21.09
CA GLU A 319 15.38 10.69 22.54
C GLU A 319 16.74 10.89 23.24
N GLY A 320 17.75 11.29 22.47
CA GLY A 320 19.05 11.63 22.99
C GLY A 320 19.91 10.44 23.39
N VAL A 321 19.62 9.27 22.84
CA VAL A 321 20.48 8.09 23.07
C VAL A 321 21.76 8.27 22.26
N ILE A 322 21.63 8.95 21.12
CA ILE A 322 22.77 9.19 20.23
C ILE A 322 22.63 10.61 19.73
N GLY A 323 23.73 11.17 19.24
CA GLY A 323 23.68 12.51 18.64
C GLY A 323 24.80 12.82 17.68
N PRO A 324 24.95 14.11 17.32
CA PRO A 324 25.94 14.61 16.35
C PRO A 324 27.39 14.10 16.52
N ASP A 325 27.76 13.81 17.77
CA ASP A 325 29.11 13.35 18.17
C ASP A 325 29.33 11.90 17.86
N ASP A 326 28.23 11.17 17.63
CA ASP A 326 28.26 9.71 17.41
C ASP A 326 28.20 9.34 15.92
N VAL A 327 28.01 10.34 15.08
CA VAL A 327 27.83 10.16 13.62
C VAL A 327 29.09 9.54 12.99
N GLU A 328 30.23 10.21 13.13
CA GLU A 328 31.46 9.75 12.51
C GLU A 328 31.99 8.49 13.20
N LYS A 329 32.04 8.51 14.53
CA LYS A 329 32.45 7.37 15.35
C LYS A 329 31.57 7.42 16.59
N LEU A 330 31.00 6.28 16.95
CA LEU A 330 30.14 6.22 18.14
C LEU A 330 30.98 6.50 19.38
N THR A 331 30.50 7.34 20.29
CA THR A 331 31.27 7.64 21.52
C THR A 331 31.37 6.38 22.39
N LYS A 332 32.44 6.26 23.18
CA LYS A 332 32.66 5.06 23.98
C LYS A 332 31.51 4.80 24.95
N GLY A 333 31.09 3.54 25.03
CA GLY A 333 30.02 3.15 25.94
C GLY A 333 28.60 3.28 25.41
N LYS A 334 28.41 3.92 24.26
CA LYS A 334 27.08 4.10 23.71
C LYS A 334 26.54 2.88 23.00
N GLY A 335 27.43 2.03 22.51
CA GLY A 335 27.06 0.74 21.92
C GLY A 335 26.04 -0.05 22.74
N PRO A 336 26.39 -0.40 24.00
CA PRO A 336 25.43 -1.03 24.94
C PRO A 336 24.13 -0.27 25.20
N LYS A 337 24.20 1.06 25.22
CA LYS A 337 23.00 1.91 25.41
C LYS A 337 22.01 1.74 24.28
N VAL A 338 22.53 1.68 23.05
CA VAL A 338 21.75 1.47 21.84
C VAL A 338 21.08 0.08 21.87
N ARG A 339 21.83 -0.96 22.24
CA ARG A 339 21.26 -2.30 22.40
C ARG A 339 20.18 -2.35 23.51
N THR A 340 20.43 -1.65 24.61
CA THR A 340 19.48 -1.64 25.72
C THR A 340 18.20 -0.97 25.27
N TRP A 341 18.33 0.15 24.57
CA TRP A 341 17.18 0.91 24.05
C TRP A 341 16.38 0.11 23.03
N LEU A 342 17.08 -0.52 22.08
CA LEU A 342 16.40 -1.45 21.18
C LEU A 342 15.62 -2.54 21.94
N SER A 343 16.25 -3.09 22.98
CA SER A 343 15.74 -4.22 23.73
C SER A 343 14.53 -3.85 24.59
N GLU A 344 14.66 -2.79 25.38
CA GLU A 344 13.54 -2.41 26.21
C GLU A 344 12.49 -1.55 25.51
N ASN A 345 12.86 -0.77 24.49
CA ASN A 345 11.88 0.13 23.82
C ASN A 345 11.42 -0.15 22.38
N GLY A 346 12.13 -1.01 21.64
CA GLY A 346 11.90 -1.21 20.19
C GLY A 346 10.47 -1.51 19.81
N GLU A 347 9.81 -2.37 20.60
CA GLU A 347 8.47 -2.83 20.32
C GLU A 347 7.34 -1.81 20.59
N GLU A 348 7.41 -1.09 21.72
CA GLU A 348 6.53 0.05 21.98
C GLU A 348 6.72 1.11 20.88
N ARG A 349 7.97 1.31 20.48
CA ARG A 349 8.30 2.38 19.57
C ARG A 349 7.77 2.07 18.14
N LEU A 350 7.89 0.80 17.75
CA LEU A 350 7.28 0.27 16.53
C LEU A 350 5.77 0.50 16.45
N SER A 351 5.07 0.43 17.59
CA SER A 351 3.62 0.69 17.62
C SER A 351 3.23 2.17 17.49
N ARG A 352 4.23 3.02 17.39
CA ARG A 352 4.05 4.45 17.13
C ARG A 352 4.37 4.77 15.67
N MET A 353 4.46 3.73 14.84
CA MET A 353 4.69 3.93 13.40
C MET A 353 3.64 3.17 12.60
N ALA A 354 3.32 3.69 11.42
CA ALA A 354 2.64 2.97 10.37
C ALA A 354 3.58 3.14 9.20
N VAL A 355 4.08 2.04 8.66
CA VAL A 355 5.10 2.12 7.63
C VAL A 355 4.71 1.21 6.50
N SER A 356 4.63 1.80 5.31
CA SER A 356 4.29 1.08 4.11
C SER A 356 5.31 1.40 3.04
N GLY A 357 6.33 0.56 2.91
CA GLY A 357 7.40 0.82 1.96
C GLY A 357 8.16 2.05 2.40
N ASP A 358 8.36 2.96 1.46
CA ASP A 358 8.99 4.26 1.72
C ASP A 358 8.07 5.32 2.40
N ASP A 359 6.82 4.96 2.64
CA ASP A 359 5.83 5.86 3.24
C ASP A 359 5.73 5.55 4.73
N CYS A 360 5.67 6.58 5.54
CA CYS A 360 5.60 6.36 6.98
C CYS A 360 4.91 7.49 7.69
N VAL A 361 4.44 7.14 8.88
CA VAL A 361 3.85 8.04 9.86
C VAL A 361 4.47 7.63 11.22
N VAL A 362 4.98 8.60 11.95
CA VAL A 362 5.63 8.35 13.24
C VAL A 362 5.08 9.34 14.27
N LYS A 363 4.65 8.83 15.42
CA LYS A 363 4.40 9.72 16.54
C LYS A 363 5.47 9.53 17.61
N PRO A 364 6.48 10.42 17.65
CA PRO A 364 7.55 10.24 18.64
C PRO A 364 7.12 10.61 20.05
N LEU A 365 8.00 10.30 21.01
CA LEU A 365 7.81 10.67 22.41
C LEU A 365 7.71 12.16 22.66
N ASP A 366 8.37 12.96 21.81
CA ASP A 366 8.32 14.42 21.86
C ASP A 366 8.87 14.99 20.55
N ASP A 367 8.89 16.30 20.41
CA ASP A 367 9.27 16.98 19.16
C ASP A 367 10.77 17.23 18.94
N ARG A 368 11.63 16.64 19.76
CA ARG A 368 13.05 16.61 19.44
C ARG A 368 13.30 15.81 18.17
N PHE A 369 12.36 14.92 17.83
CA PHE A 369 12.32 14.19 16.56
C PHE A 369 12.46 15.13 15.35
N ALA A 370 11.85 16.32 15.41
CA ALA A 370 11.90 17.29 14.34
C ALA A 370 13.32 17.76 13.95
N THR A 371 14.24 17.75 14.91
CA THR A 371 15.61 18.23 14.69
C THR A 371 16.58 17.05 14.73
N SER A 372 16.02 15.86 14.93
CA SER A 372 16.78 14.63 14.93
C SER A 372 17.11 14.23 13.47
N LEU A 373 18.14 14.86 12.92
CA LEU A 373 18.43 14.81 11.49
C LEU A 373 19.84 14.37 11.15
N HIS A 374 20.67 14.15 12.18
CA HIS A 374 22.08 13.79 12.00
C HIS A 374 22.30 12.38 11.46
N PHE A 375 21.66 11.40 12.07
CA PHE A 375 21.74 10.04 11.55
C PHE A 375 20.94 9.89 10.26
N LEU A 376 19.78 10.52 10.20
CA LEU A 376 18.92 10.49 9.02
C LEU A 376 19.63 10.99 7.78
N ASN A 377 20.19 12.19 7.86
CA ASN A 377 20.94 12.74 6.77
C ASN A 377 22.21 11.96 6.46
N ALA A 378 22.89 11.41 7.47
CA ALA A 378 24.12 10.58 7.26
C ALA A 378 23.86 9.17 6.70
N MET A 379 22.63 8.68 6.90
CA MET A 379 22.12 7.51 6.20
C MET A 379 21.67 7.75 4.74
N SER A 380 21.89 8.96 4.24
CA SER A 380 21.42 9.40 2.92
C SER A 380 19.90 9.54 2.79
N LYS A 381 19.16 9.46 3.90
CA LYS A 381 17.69 9.49 3.87
C LYS A 381 17.23 10.93 4.00
N VAL A 382 17.73 11.75 3.10
CA VAL A 382 17.44 13.17 3.06
C VAL A 382 15.95 13.38 2.74
N ARG A 383 15.28 14.13 3.59
CA ARG A 383 13.86 14.44 3.41
C ARG A 383 13.54 15.22 2.13
N LYS A 384 12.39 14.94 1.55
CA LYS A 384 11.93 15.60 0.34
C LYS A 384 11.49 17.04 0.69
N ASP A 385 11.82 17.99 -0.20
CA ASP A 385 11.18 19.34 -0.21
C ASP A 385 11.47 20.17 1.01
N ILE A 386 12.69 20.08 1.54
CA ILE A 386 13.05 20.83 2.75
C ILE A 386 14.54 20.82 2.84
N GLN A 387 15.10 21.95 3.26
CA GLN A 387 16.55 22.09 3.37
C GLN A 387 17.12 21.10 4.37
N GLU A 388 18.29 20.57 4.02
CA GLU A 388 18.86 19.46 4.73
C GLU A 388 18.72 19.55 6.27
N TRP A 389 18.92 20.75 6.84
CA TRP A 389 19.05 20.93 8.29
C TRP A 389 17.89 21.67 8.94
N LYS A 390 16.85 21.89 8.14
CA LYS A 390 15.69 22.60 8.62
C LYS A 390 14.79 21.59 9.33
N PRO A 391 14.35 21.91 10.56
CA PRO A 391 13.52 21.01 11.36
C PRO A 391 12.30 20.56 10.60
N SER A 392 11.88 19.30 10.80
CA SER A 392 10.61 18.81 10.28
C SER A 392 9.45 19.54 10.94
N THR A 393 8.32 19.57 10.26
CA THR A 393 7.06 20.01 10.83
C THR A 393 6.08 18.83 10.72
N GLY A 394 5.31 18.59 11.79
CA GLY A 394 4.24 17.62 11.74
C GLY A 394 2.85 18.18 11.98
N TRP A 395 1.93 17.26 12.31
CA TRP A 395 0.49 17.49 12.45
C TRP A 395 -0.02 17.23 13.88
N TYR A 396 -1.12 17.87 14.26
CA TYR A 396 -1.78 17.55 15.54
C TYR A 396 -2.93 16.57 15.37
N ASP A 397 -3.56 16.60 14.19
CA ASP A 397 -4.75 15.84 13.90
C ASP A 397 -4.39 14.70 12.96
N TRP A 398 -4.54 13.46 13.46
CA TRP A 398 -4.31 12.22 12.68
C TRP A 398 -5.18 12.19 11.42
N GLN A 399 -6.23 13.00 11.42
CA GLN A 399 -7.20 13.04 10.33
C GLN A 399 -6.72 13.91 9.19
N GLN A 400 -5.68 14.71 9.40
CA GLN A 400 -5.11 15.42 8.26
C GLN A 400 -3.75 14.89 7.81
N VAL A 401 -3.24 13.89 8.49
CA VAL A 401 -1.96 13.28 8.10
C VAL A 401 -2.16 12.45 6.81
N PRO A 402 -1.31 12.70 5.79
CA PRO A 402 -1.38 11.88 4.61
C PRO A 402 -0.62 10.60 4.83
N PHE A 403 -1.16 9.52 4.29
CA PHE A 403 -0.53 8.21 4.33
C PHE A 403 -1.14 7.42 3.19
N CYS A 404 -0.28 6.83 2.35
CA CYS A 404 -0.68 6.05 1.19
C CYS A 404 -1.67 6.80 0.33
N SER A 405 -1.36 8.06 0.02
CA SER A 405 -2.11 8.87 -0.95
C SER A 405 -3.48 9.34 -0.47
N ASN A 406 -3.74 9.21 0.82
CA ASN A 406 -5.04 9.51 1.40
C ASN A 406 -4.86 10.18 2.74
N HIS A 407 -5.89 10.86 3.22
CA HIS A 407 -6.04 11.16 4.64
C HIS A 407 -7.26 10.37 5.08
N PHE A 408 -7.50 10.33 6.38
CA PHE A 408 -8.51 9.48 6.93
C PHE A 408 -9.43 10.27 7.85
N THR A 409 -10.73 9.97 7.81
CA THR A 409 -11.75 10.77 8.49
C THR A 409 -12.67 9.92 9.35
N GLU A 410 -13.10 10.45 10.48
CA GLU A 410 -14.20 9.83 11.21
C GLU A 410 -15.55 10.21 10.62
N LEU A 411 -16.35 9.19 10.37
CA LEU A 411 -17.68 9.36 9.80
C LEU A 411 -18.75 8.81 10.72
N ILE A 412 -19.76 9.61 11.03
CA ILE A 412 -20.86 9.13 11.86
C ILE A 412 -22.06 8.75 10.99
N MET A 413 -22.43 7.47 11.06
CA MET A 413 -23.61 6.92 10.37
C MET A 413 -24.91 7.40 11.01
N LYS A 414 -26.03 7.22 10.30
CA LYS A 414 -27.35 7.61 10.80
C LYS A 414 -27.68 6.98 12.15
N ASP A 415 -27.28 5.72 12.33
CA ASP A 415 -27.48 4.99 13.61
C ASP A 415 -26.43 5.33 14.70
N GLY A 416 -25.62 6.36 14.47
CA GLY A 416 -24.77 6.91 15.53
C GLY A 416 -23.38 6.31 15.60
N ARG A 417 -23.20 5.15 14.97
CA ARG A 417 -21.89 4.51 14.86
C ARG A 417 -20.90 5.31 14.02
N THR A 418 -19.62 5.23 14.39
CA THR A 418 -18.54 5.94 13.68
C THR A 418 -17.67 5.02 12.80
N LEU A 419 -17.59 5.34 11.51
CA LEU A 419 -16.59 4.75 10.62
C LEU A 419 -15.31 5.57 10.64
N VAL A 420 -14.19 4.98 10.24
CA VAL A 420 -13.00 5.74 9.82
C VAL A 420 -12.70 5.44 8.34
N THR A 421 -12.84 6.45 7.50
CA THR A 421 -12.80 6.23 6.04
C THR A 421 -11.68 6.97 5.26
N PRO A 422 -11.17 6.38 4.14
CA PRO A 422 -10.15 7.10 3.40
C PRO A 422 -10.75 8.22 2.60
N CYS A 423 -9.97 9.28 2.41
CA CYS A 423 -10.40 10.34 1.55
C CYS A 423 -9.18 10.91 0.85
N ARG A 424 -9.38 11.37 -0.39
CA ARG A 424 -8.36 12.11 -1.10
C ARG A 424 -9.06 13.07 -2.09
N GLY A 425 -8.31 14.00 -2.67
CA GLY A 425 -8.84 14.93 -3.68
C GLY A 425 -9.59 14.22 -4.80
N GLN A 426 -10.78 14.70 -5.11
CA GLN A 426 -11.67 13.97 -5.98
C GLN A 426 -11.30 14.05 -7.44
N ASP A 427 -10.56 15.08 -7.81
CA ASP A 427 -10.11 15.26 -9.20
C ASP A 427 -9.16 14.14 -9.60
N GLU A 428 -8.30 13.74 -8.67
CA GLU A 428 -7.37 12.64 -8.93
C GLU A 428 -8.09 11.30 -8.94
N LEU A 429 -9.10 11.15 -8.10
CA LEU A 429 -9.96 9.98 -8.14
C LEU A 429 -10.67 9.78 -9.48
N VAL A 430 -11.40 10.79 -9.97
CA VAL A 430 -11.96 10.69 -11.32
C VAL A 430 -10.91 10.62 -12.44
N GLY A 431 -9.84 11.41 -12.33
CA GLY A 431 -8.78 11.47 -13.35
C GLY A 431 -8.18 10.12 -13.69
N ARG A 432 -7.91 9.32 -12.65
CA ARG A 432 -7.36 7.96 -12.78
C ARG A 432 -8.36 6.99 -13.46
N ALA A 433 -9.64 7.07 -13.09
CA ALA A 433 -10.72 6.26 -13.69
C ALA A 433 -10.94 6.56 -15.17
N ARG A 434 -10.71 7.81 -15.56
CA ARG A 434 -10.80 8.23 -16.95
C ARG A 434 -9.63 7.69 -17.80
N ILE A 435 -8.61 7.15 -17.15
CA ILE A 435 -7.46 6.60 -17.88
C ILE A 435 -7.66 5.12 -18.23
N SER A 436 -7.53 4.81 -19.51
CA SER A 436 -7.48 3.42 -19.98
C SER A 436 -6.06 3.07 -20.42
N PRO A 437 -5.58 1.86 -20.06
CA PRO A 437 -4.22 1.45 -20.48
C PRO A 437 -4.17 0.82 -21.88
N ASN A 442 -10.76 -2.14 -26.61
CA ASN A 442 -11.69 -3.25 -26.32
C ASN A 442 -12.81 -2.78 -25.38
N VAL A 443 -14.05 -2.85 -25.83
CA VAL A 443 -15.20 -2.25 -25.10
C VAL A 443 -15.58 -3.00 -23.81
N ARG A 444 -15.34 -4.31 -23.80
CA ARG A 444 -15.67 -5.16 -22.64
C ARG A 444 -14.97 -4.67 -21.36
N ASP A 445 -13.64 -4.59 -21.41
CA ASP A 445 -12.83 -3.79 -20.44
C ASP A 445 -12.19 -2.95 -21.47
N THR A 446 -12.67 -1.73 -21.72
CA THR A 446 -13.02 -0.65 -20.83
C THR A 446 -14.22 -0.59 -19.91
N ALA A 447 -15.34 -1.17 -20.30
CA ALA A 447 -16.52 -1.20 -19.43
C ALA A 447 -16.25 -1.92 -18.08
N CYS A 448 -15.48 -3.01 -18.14
CA CYS A 448 -15.17 -3.82 -16.95
C CYS A 448 -14.19 -3.14 -15.99
N LEU A 449 -13.29 -2.35 -16.57
CA LEU A 449 -12.37 -1.48 -15.81
C LEU A 449 -13.15 -0.32 -15.22
N ALA A 450 -13.98 0.36 -16.03
CA ALA A 450 -14.86 1.39 -15.50
C ALA A 450 -15.67 0.89 -14.26
N LYS A 451 -16.18 -0.34 -14.31
CA LYS A 451 -16.93 -0.98 -13.21
C LYS A 451 -16.12 -1.29 -11.97
N SER A 452 -14.83 -1.62 -12.15
CA SER A 452 -13.97 -1.81 -10.98
C SER A 452 -13.76 -0.48 -10.28
N TYR A 453 -13.51 0.57 -11.04
CA TYR A 453 -13.42 1.91 -10.45
C TYR A 453 -14.68 2.27 -9.68
N ALA A 454 -15.83 2.19 -10.34
CA ALA A 454 -17.13 2.42 -9.70
C ALA A 454 -17.29 1.66 -8.38
N GLN A 455 -17.02 0.36 -8.41
CA GLN A 455 -17.27 -0.48 -7.26
C GLN A 455 -16.23 -0.24 -6.14
N MET A 456 -15.02 0.11 -6.54
CA MET A 456 -14.00 0.63 -5.66
C MET A 456 -14.49 1.88 -4.93
N TRP A 457 -15.02 2.84 -5.69
CA TRP A 457 -15.55 4.05 -5.08
C TRP A 457 -16.67 3.80 -4.11
N LEU A 458 -17.57 2.88 -4.45
CA LEU A 458 -18.68 2.53 -3.57
C LEU A 458 -18.19 1.90 -2.27
N LEU A 459 -17.10 1.14 -2.36
CA LEU A 459 -16.50 0.53 -1.20
C LEU A 459 -15.75 1.56 -0.35
N LEU A 460 -14.93 2.39 -1.01
CA LEU A 460 -13.93 3.21 -0.27
C LEU A 460 -14.30 4.68 -0.14
N TYR A 461 -14.97 5.21 -1.17
CA TYR A 461 -15.24 6.63 -1.29
C TYR A 461 -16.74 6.94 -1.43
N PHE A 462 -17.56 6.01 -0.94
CA PHE A 462 -19.02 6.17 -0.86
C PHE A 462 -19.46 7.49 -0.19
N HIS A 463 -18.64 8.02 0.73
CA HIS A 463 -18.94 9.26 1.47
C HIS A 463 -18.77 10.56 0.65
N ARG A 464 -18.40 10.40 -0.62
CA ARG A 464 -18.20 11.51 -1.54
C ARG A 464 -19.35 11.47 -2.52
N ARG A 465 -20.12 12.57 -2.51
CA ARG A 465 -21.41 12.70 -3.18
C ARG A 465 -21.35 12.40 -4.68
N ASP A 466 -20.38 12.98 -5.37
CA ASP A 466 -20.19 12.83 -6.80
C ASP A 466 -19.74 11.43 -7.17
N LEU A 467 -18.94 10.81 -6.31
CA LEU A 467 -18.43 9.45 -6.59
C LEU A 467 -19.48 8.40 -6.36
N ARG A 468 -20.33 8.58 -5.35
CA ARG A 468 -21.45 7.65 -5.18
C ARG A 468 -22.41 7.67 -6.37
N LEU A 469 -22.80 8.87 -6.78
CA LEU A 469 -23.66 9.09 -7.92
C LEU A 469 -23.00 8.57 -9.20
N MET A 470 -21.75 8.95 -9.43
CA MET A 470 -21.03 8.56 -10.65
C MET A 470 -20.79 7.07 -10.72
N ALA A 471 -20.59 6.44 -9.56
CA ALA A 471 -20.41 5.01 -9.47
C ALA A 471 -21.68 4.23 -9.84
N ASN A 472 -22.83 4.68 -9.36
CA ASN A 472 -24.10 4.07 -9.70
C ASN A 472 -24.46 4.21 -11.17
N ALA A 473 -24.04 5.32 -11.77
CA ALA A 473 -24.21 5.56 -13.20
C ALA A 473 -23.43 4.56 -14.01
N ILE A 474 -22.17 4.33 -13.61
CA ILE A 474 -21.34 3.35 -14.27
C ILE A 474 -21.94 1.96 -14.11
N CYS A 475 -22.33 1.61 -12.88
CA CYS A 475 -22.88 0.31 -12.61
C CYS A 475 -24.23 0.11 -13.33
N SER A 476 -24.90 1.23 -13.64
CA SER A 476 -26.18 1.22 -14.41
C SER A 476 -26.02 1.10 -15.92
N ALA A 477 -24.86 1.55 -16.40
CA ALA A 477 -24.50 1.61 -17.81
C ALA A 477 -23.70 0.41 -18.29
N VAL A 478 -23.11 -0.35 -17.35
CA VAL A 478 -22.32 -1.58 -17.63
C VAL A 478 -23.19 -2.81 -17.33
N PRO A 479 -23.20 -3.82 -18.23
CA PRO A 479 -23.99 -5.05 -18.00
C PRO A 479 -23.78 -5.63 -16.61
N VAL A 480 -24.86 -6.06 -15.94
CA VAL A 480 -24.74 -6.60 -14.59
C VAL A 480 -23.83 -7.80 -14.56
N ASN A 481 -23.81 -8.59 -15.64
CA ASN A 481 -23.11 -9.87 -15.63
C ASN A 481 -21.59 -9.78 -15.91
N TRP A 482 -21.13 -8.60 -16.32
CA TRP A 482 -19.70 -8.39 -16.57
C TRP A 482 -18.89 -8.27 -15.29
N VAL A 483 -17.95 -9.21 -15.10
CA VAL A 483 -17.02 -9.19 -13.96
C VAL A 483 -16.11 -7.97 -14.09
N PRO A 484 -15.96 -7.17 -13.01
CA PRO A 484 -14.94 -6.11 -13.08
C PRO A 484 -13.53 -6.71 -13.25
N THR A 485 -12.77 -6.14 -14.18
CA THR A 485 -11.35 -6.51 -14.39
C THR A 485 -10.51 -5.25 -14.45
N GLY A 486 -9.18 -5.42 -14.40
CA GLY A 486 -8.24 -4.31 -14.53
C GLY A 486 -7.69 -3.77 -13.22
N ARG A 487 -6.74 -2.86 -13.31
CA ARG A 487 -6.08 -2.29 -12.16
C ARG A 487 -6.73 -0.98 -11.71
N THR A 488 -7.06 -0.91 -10.42
CA THR A 488 -7.71 0.25 -9.82
C THR A 488 -6.96 0.55 -8.52
N THR A 489 -6.37 -0.53 -7.98
CA THR A 489 -5.47 -0.48 -6.85
C THR A 489 -4.18 0.16 -7.37
N TRP A 490 -3.89 1.37 -6.90
CA TRP A 490 -2.72 2.06 -7.40
C TRP A 490 -1.64 2.24 -6.35
N SER A 491 -0.74 1.25 -6.36
CA SER A 491 0.47 1.23 -5.58
C SER A 491 0.28 0.95 -4.07
N ILE A 492 -0.99 0.86 -3.62
CA ILE A 492 -1.29 0.15 -2.37
C ILE A 492 -1.45 -1.32 -2.76
N HIS A 493 -0.85 -2.19 -1.95
CA HIS A 493 -0.74 -3.61 -2.28
C HIS A 493 -1.88 -4.49 -1.70
N ALA A 494 -2.88 -3.88 -1.05
CA ALA A 494 -4.02 -4.63 -0.53
C ALA A 494 -5.36 -3.99 -0.91
N GLY A 495 -6.38 -4.83 -1.10
CA GLY A 495 -7.67 -4.38 -1.57
C GLY A 495 -8.19 -5.36 -2.60
N GLY A 496 -9.08 -4.89 -3.47
CA GLY A 496 -9.63 -5.73 -4.53
C GLY A 496 -11.00 -6.34 -4.24
N GLU A 497 -11.58 -6.06 -3.08
CA GLU A 497 -12.92 -6.59 -2.72
C GLU A 497 -14.02 -6.18 -3.70
N TRP A 498 -13.82 -5.06 -4.40
CA TRP A 498 -14.74 -4.52 -5.39
C TRP A 498 -14.73 -5.27 -6.73
N MET A 499 -13.81 -6.23 -6.87
CA MET A 499 -13.65 -7.02 -8.07
C MET A 499 -14.55 -8.26 -8.02
N THR A 500 -15.86 -8.01 -7.99
CA THR A 500 -16.90 -9.00 -7.84
C THR A 500 -18.07 -8.58 -8.66
N THR A 501 -18.92 -9.57 -8.85
CA THR A 501 -20.18 -9.40 -9.49
C THR A 501 -21.24 -9.43 -8.38
N GLU A 502 -20.80 -9.71 -7.17
CA GLU A 502 -21.64 -9.70 -5.98
C GLU A 502 -22.14 -8.28 -5.63
N ASP A 503 -23.33 -8.21 -5.05
CA ASP A 503 -23.93 -6.93 -4.68
C ASP A 503 -23.02 -6.10 -3.76
N MET A 504 -22.81 -4.85 -4.14
CA MET A 504 -21.83 -4.02 -3.45
C MET A 504 -22.23 -3.61 -2.03
N LEU A 505 -23.53 -3.64 -1.70
CA LEU A 505 -23.99 -3.38 -0.32
C LEU A 505 -23.64 -4.58 0.54
N GLU A 506 -23.60 -5.75 -0.07
CA GLU A 506 -23.26 -7.00 0.63
C GLU A 506 -21.78 -6.94 0.99
N VAL A 507 -20.94 -6.57 0.01
CA VAL A 507 -19.51 -6.41 0.29
C VAL A 507 -19.19 -5.20 1.19
N TRP A 508 -19.84 -4.06 0.97
CA TRP A 508 -19.78 -2.97 1.93
C TRP A 508 -20.03 -3.46 3.35
N ASN A 509 -21.10 -4.22 3.54
CA ASN A 509 -21.42 -4.75 4.87
C ASN A 509 -20.33 -5.65 5.45
N ARG A 510 -19.83 -6.55 4.61
CA ARG A 510 -18.78 -7.48 5.04
C ARG A 510 -17.49 -6.78 5.44
N VAL A 511 -17.10 -5.72 4.71
CA VAL A 511 -15.85 -5.06 5.05
C VAL A 511 -15.97 -3.97 6.11
N TRP A 512 -17.10 -3.27 6.16
CA TRP A 512 -17.21 -2.14 7.09
C TRP A 512 -17.82 -2.49 8.45
N ILE A 513 -18.45 -3.65 8.54
CA ILE A 513 -19.17 -4.06 9.74
C ILE A 513 -18.72 -5.45 10.16
N GLU A 514 -19.07 -6.47 9.38
CA GLU A 514 -18.74 -7.85 9.75
C GLU A 514 -17.23 -7.98 10.03
N GLU A 515 -16.41 -7.67 9.03
CA GLU A 515 -14.95 -7.87 9.12
C GLU A 515 -14.13 -6.66 9.66
N ASN A 516 -14.84 -5.63 10.13
CA ASN A 516 -14.23 -4.46 10.75
C ASN A 516 -14.01 -4.67 12.25
N GLU A 517 -12.75 -4.91 12.64
CA GLU A 517 -12.45 -5.22 14.03
C GLU A 517 -12.49 -3.99 14.92
N TRP A 518 -12.74 -2.85 14.30
CA TRP A 518 -13.03 -1.60 15.02
C TRP A 518 -14.54 -1.25 14.94
N MET A 519 -15.36 -2.21 14.53
CA MET A 519 -16.83 -2.09 14.59
C MET A 519 -17.36 -3.03 15.67
N GLU A 520 -17.70 -2.44 16.82
CA GLU A 520 -18.25 -3.17 17.95
C GLU A 520 -19.64 -3.77 17.65
N ASP A 521 -20.57 -2.93 17.22
CA ASP A 521 -21.93 -3.35 16.84
C ASP A 521 -21.95 -3.99 15.44
N LYS A 522 -22.26 -5.28 15.36
CA LYS A 522 -22.22 -6.02 14.07
C LYS A 522 -23.53 -6.02 13.27
N THR A 523 -24.51 -5.21 13.69
CA THR A 523 -25.79 -5.14 12.99
C THR A 523 -25.62 -4.52 11.59
N PRO A 524 -26.06 -5.26 10.56
CA PRO A 524 -25.88 -4.86 9.16
C PRO A 524 -26.70 -3.62 8.79
N VAL A 525 -26.24 -2.92 7.76
CA VAL A 525 -26.94 -1.81 7.17
C VAL A 525 -27.76 -2.42 6.02
N GLU A 526 -28.99 -1.96 5.82
CA GLU A 526 -29.89 -2.62 4.87
C GLU A 526 -30.10 -1.83 3.59
N LYS A 527 -29.77 -0.53 3.65
CA LYS A 527 -29.89 0.33 2.49
C LYS A 527 -28.67 1.23 2.31
N TRP A 528 -28.39 1.58 1.04
CA TRP A 528 -27.39 2.58 0.70
C TRP A 528 -27.70 3.95 1.30
N SER A 529 -28.98 4.25 1.52
CA SER A 529 -29.36 5.51 2.15
C SER A 529 -28.81 5.64 3.59
N ASP A 530 -28.58 4.51 4.25
CA ASP A 530 -28.02 4.47 5.60
C ASP A 530 -26.48 4.41 5.69
N VAL A 531 -25.83 4.36 4.51
CA VAL A 531 -24.38 4.46 4.39
C VAL A 531 -24.04 5.94 4.22
N PRO A 532 -23.31 6.53 5.21
CA PRO A 532 -23.10 7.98 5.39
C PRO A 532 -22.32 8.72 4.30
N TYR A 533 -22.62 9.99 4.15
CA TYR A 533 -21.78 10.89 3.39
C TYR A 533 -20.90 11.69 4.36
N SER A 534 -19.81 12.24 3.81
CA SER A 534 -19.09 13.33 4.39
C SER A 534 -20.08 14.42 4.76
N GLY A 535 -19.65 15.36 5.62
CA GLY A 535 -20.29 16.66 5.69
C GLY A 535 -20.16 17.33 4.33
N LYS A 536 -21.11 18.20 4.01
CA LYS A 536 -21.20 18.82 2.69
C LYS A 536 -20.00 19.72 2.39
N ARG A 537 -19.62 20.55 3.36
CA ARG A 537 -18.48 21.45 3.21
C ARG A 537 -17.09 20.74 3.25
N GLU A 538 -16.97 19.65 3.99
CA GLU A 538 -15.83 18.73 3.82
C GLU A 538 -15.74 18.15 2.38
N ASP A 539 -16.85 17.59 1.88
CA ASP A 539 -16.97 17.10 0.48
C ASP A 539 -16.44 18.13 -0.50
N ILE A 540 -16.84 19.40 -0.32
CA ILE A 540 -16.44 20.51 -1.19
C ILE A 540 -14.93 20.83 -1.11
N TRP A 541 -14.39 20.90 0.11
CA TRP A 541 -12.94 21.08 0.33
C TRP A 541 -12.09 20.01 -0.37
N CYS A 542 -12.59 18.77 -0.43
CA CYS A 542 -11.86 17.70 -1.14
C CYS A 542 -12.25 17.49 -2.60
N GLY A 543 -12.85 18.52 -3.18
CA GLY A 543 -13.00 18.64 -4.62
C GLY A 543 -14.37 18.30 -5.17
N SER A 544 -15.38 18.27 -4.31
CA SER A 544 -16.73 18.00 -4.78
C SER A 544 -17.26 19.14 -5.64
N LEU A 545 -17.94 18.77 -6.71
CA LEU A 545 -18.56 19.72 -7.61
C LEU A 545 -19.98 20.03 -7.20
N ILE A 546 -20.42 19.44 -6.08
CA ILE A 546 -21.78 19.64 -5.60
C ILE A 546 -21.99 21.11 -5.32
N GLY A 547 -23.13 21.64 -5.75
CA GLY A 547 -23.42 23.04 -5.61
C GLY A 547 -23.12 23.84 -6.85
N THR A 548 -22.46 23.22 -7.84
CA THR A 548 -22.25 23.91 -9.12
C THR A 548 -23.33 23.59 -10.17
N ARG A 549 -23.49 24.44 -11.20
CA ARG A 549 -24.47 24.02 -12.20
C ARG A 549 -24.03 22.97 -13.23
N ALA A 550 -22.74 22.96 -13.58
CA ALA A 550 -22.24 21.90 -14.48
C ALA A 550 -22.67 20.53 -13.95
N ARG A 551 -22.42 20.27 -12.65
CA ARG A 551 -22.86 19.03 -11.98
C ARG A 551 -24.34 18.98 -11.61
N ALA A 552 -25.00 20.13 -11.45
CA ALA A 552 -26.46 20.12 -11.29
C ALA A 552 -27.07 19.41 -12.51
N THR A 553 -26.69 19.95 -13.70
CA THR A 553 -27.10 19.51 -15.04
C THR A 553 -26.71 18.06 -15.38
N TRP A 554 -25.62 17.54 -14.81
CA TRP A 554 -25.28 16.12 -14.99
C TRP A 554 -26.12 15.23 -14.12
N ALA A 555 -26.27 15.59 -12.84
CA ALA A 555 -27.02 14.80 -11.86
C ALA A 555 -28.49 14.58 -12.27
N GLU A 556 -29.11 15.65 -12.79
CA GLU A 556 -30.51 15.60 -13.13
C GLU A 556 -30.75 14.94 -14.51
N ASN A 557 -29.77 15.05 -15.41
CA ASN A 557 -29.84 14.47 -16.75
C ASN A 557 -29.07 13.16 -16.84
N ILE A 558 -28.74 12.56 -15.69
CA ILE A 558 -27.86 11.40 -15.65
C ILE A 558 -28.36 10.21 -16.48
N GLN A 559 -29.68 10.03 -16.52
CA GLN A 559 -30.25 8.87 -17.19
C GLN A 559 -30.00 8.93 -18.70
N VAL A 560 -30.00 10.15 -19.25
CA VAL A 560 -29.66 10.39 -20.65
C VAL A 560 -28.24 9.86 -20.94
N ALA A 561 -27.29 10.19 -20.06
CA ALA A 561 -25.91 9.71 -20.17
C ALA A 561 -25.77 8.19 -20.01
N ILE A 562 -26.45 7.60 -19.02
CA ILE A 562 -26.46 6.16 -18.83
C ILE A 562 -26.98 5.48 -20.11
N ASN A 563 -28.13 5.94 -20.61
CA ASN A 563 -28.73 5.41 -21.84
C ASN A 563 -27.79 5.45 -23.04
N GLN A 564 -27.11 6.57 -23.22
CA GLN A 564 -26.06 6.70 -24.23
C GLN A 564 -24.98 5.61 -24.13
N VAL A 565 -24.55 5.27 -22.93
CA VAL A 565 -23.51 4.23 -22.78
C VAL A 565 -24.09 2.83 -22.98
N ARG A 566 -25.36 2.64 -22.59
CA ARG A 566 -26.08 1.42 -22.85
C ARG A 566 -26.19 1.18 -24.36
N SER A 567 -26.50 2.24 -25.12
CA SER A 567 -26.50 2.19 -26.61
C SER A 567 -25.18 1.69 -27.20
N ILE A 568 -24.06 2.30 -26.79
CA ILE A 568 -22.77 2.01 -27.40
C ILE A 568 -22.31 0.59 -27.12
N ILE A 569 -22.41 0.17 -25.85
CA ILE A 569 -21.97 -1.19 -25.53
C ILE A 569 -22.94 -2.23 -26.08
N GLY A 570 -24.23 -1.86 -26.17
CA GLY A 570 -25.24 -2.63 -26.91
C GLY A 570 -26.36 -3.34 -26.14
N ASP A 571 -26.79 -4.48 -26.68
CA ASP A 571 -27.96 -5.21 -26.22
C ASP A 571 -27.56 -6.21 -25.15
N GLU A 572 -27.73 -5.81 -23.89
CA GLU A 572 -27.25 -6.56 -22.76
C GLU A 572 -28.25 -6.39 -21.60
N LYS A 573 -28.07 -7.17 -20.53
CA LYS A 573 -28.84 -6.97 -19.30
C LYS A 573 -28.24 -5.84 -18.44
N TYR A 574 -29.07 -4.84 -18.13
CA TYR A 574 -28.66 -3.70 -17.31
C TYR A 574 -29.65 -3.56 -16.16
N VAL A 575 -29.14 -3.11 -15.01
CA VAL A 575 -29.97 -2.90 -13.85
C VAL A 575 -29.81 -1.41 -13.52
N ASP A 576 -30.84 -0.83 -12.91
CA ASP A 576 -30.77 0.59 -12.60
C ASP A 576 -30.51 0.78 -11.13
N TYR A 577 -29.37 1.38 -10.81
CA TYR A 577 -28.96 1.55 -9.43
C TYR A 577 -29.21 2.95 -8.91
N MET A 578 -29.58 3.85 -9.82
CA MET A 578 -29.86 5.24 -9.48
C MET A 578 -30.91 5.46 -8.38
N SER A 579 -31.79 4.48 -8.16
CA SER A 579 -32.78 4.61 -7.07
C SER A 579 -32.27 4.19 -5.66
N SER A 580 -31.02 3.74 -5.57
CA SER A 580 -30.38 3.52 -4.27
C SER A 580 -30.04 4.88 -3.61
N LEU A 581 -29.86 5.89 -4.48
CA LEU A 581 -29.66 7.30 -4.11
C LEU A 581 -31.02 8.01 -3.91
N LYS A 582 -31.15 8.72 -2.78
CA LYS A 582 -32.42 9.33 -2.31
C LYS A 582 -33.39 8.27 -1.78
CA CA B . 4.32 10.38 3.28
ZN ZN C . 18.50 -17.21 -12.16
ZN ZN D . -10.93 14.58 2.19
#